data_5X1S
#
_entry.id   5X1S
#
_cell.length_a   59.318
_cell.length_b   65.602
_cell.length_c   78.140
_cell.angle_alpha   90.00
_cell.angle_beta   90.00
_cell.angle_gamma   90.00
#
_symmetry.space_group_name_H-M   'P 2 21 21'
#
loop_
_entity.id
_entity.type
_entity.pdbx_description
1 polymer PpkA
2 non-polymer 'PHOSPHOMETHYLPHOSPHONIC ACID ADENYLATE ESTER'
3 non-polymer GLYCEROL
4 water water
#
_entity_poly.entity_id   1
_entity_poly.type   'polypeptide(L)'
_entity_poly.pdbx_seq_one_letter_code
;MSGTGITKPNSNSLPSGYRFNEFEIQEAIGEGGFGIVYRAYDHQLERTIAIKEYMPTSLAKRNDDLSIGLRGERFGKTFQ
AGLNSFIQEARLLARFSHPGLLHVLRFWEENGTAYMGTQFYSGTTLKNLQAQQPEKIDEAWIRRLLPPLFSAINTIHQEG
YLHRDISLDNIQIQESQLPVLLDFGSARKEIGNLSDETEIVLKPGFAPIEQYTENSDGEQGPWTDIYALGAVLHTLIVGS
PPPVSVVRSIEDSYQPLTERRPAGYSPELLRTVDRALALKPEDRPQTIDEMAELLEHHHHHH
;
_entity_poly.pdbx_strand_id   A
#
loop_
_chem_comp.id
_chem_comp.type
_chem_comp.name
_chem_comp.formula
ACP non-polymer 'PHOSPHOMETHYLPHOSPHONIC ACID ADENYLATE ESTER' 'C11 H18 N5 O12 P3'
GOL non-polymer GLYCEROL 'C3 H8 O3'
#
# COMPACT_ATOMS: atom_id res chain seq x y z
N SER A 11 -4.43 6.99 21.62
CA SER A 11 -4.28 5.74 20.89
C SER A 11 -5.35 4.72 21.29
N ASN A 12 -5.78 3.90 20.33
CA ASN A 12 -6.72 2.82 20.58
C ASN A 12 -6.02 1.46 20.67
N SER A 13 -4.71 1.44 20.85
CA SER A 13 -3.95 0.22 20.68
C SER A 13 -3.89 -0.65 21.95
N LEU A 14 -3.82 -1.95 21.72
CA LEU A 14 -3.55 -2.92 22.77
C LEU A 14 -2.21 -2.62 23.44
N PRO A 15 -2.08 -2.89 24.75
CA PRO A 15 -0.83 -2.58 25.44
C PRO A 15 0.26 -3.62 25.25
N SER A 16 1.50 -3.16 25.37
CA SER A 16 2.64 -4.07 25.39
C SER A 16 2.45 -5.08 26.52
N GLY A 17 2.61 -6.37 26.19
CA GLY A 17 2.36 -7.44 27.13
C GLY A 17 1.02 -8.14 26.94
N TYR A 18 0.10 -7.55 26.18
CA TYR A 18 -1.15 -8.23 25.87
C TYR A 18 -0.85 -9.55 25.15
N ARG A 19 -1.65 -10.57 25.42
CA ARG A 19 -1.43 -11.92 24.89
C ARG A 19 -2.59 -12.39 24.02
N PHE A 20 -2.25 -13.04 22.92
CA PHE A 20 -3.15 -13.87 22.11
C PHE A 20 -2.52 -15.26 22.17
N ASN A 21 -2.83 -16.01 23.22
CA ASN A 21 -2.18 -17.30 23.46
C ASN A 21 -0.67 -17.13 23.38
N GLU A 22 -0.02 -17.78 22.39
CA GLU A 22 1.43 -17.77 22.29
C GLU A 22 1.99 -16.42 21.83
N PHE A 23 1.15 -15.55 21.26
CA PHE A 23 1.60 -14.26 20.76
C PHE A 23 1.56 -13.22 21.87
N GLU A 24 2.57 -12.35 21.92
CA GLU A 24 2.59 -11.22 22.85
C GLU A 24 2.82 -9.94 22.07
N ILE A 25 2.00 -8.93 22.35
CA ILE A 25 2.17 -7.60 21.77
C ILE A 25 3.39 -6.94 22.40
N GLN A 26 4.24 -6.36 21.56
CA GLN A 26 5.40 -5.59 22.02
C GLN A 26 5.22 -4.08 21.88
N GLU A 27 4.75 -3.62 20.73
CA GLU A 27 4.59 -2.18 20.51
C GLU A 27 3.62 -1.96 19.36
N ALA A 28 2.78 -0.94 19.49
CA ALA A 28 1.97 -0.49 18.36
C ALA A 28 2.87 0.39 17.48
N ILE A 29 3.18 -0.09 16.27
CA ILE A 29 4.09 0.62 15.39
C ILE A 29 3.38 1.36 14.28
N GLY A 30 2.11 1.08 14.05
CA GLY A 30 1.34 1.81 13.07
C GLY A 30 -0.07 1.98 13.58
N GLU A 31 -0.63 3.18 13.46
CA GLU A 31 -2.00 3.41 13.88
C GLU A 31 -2.60 4.40 12.90
N GLY A 32 -3.47 3.89 12.04
CA GLY A 32 -4.16 4.73 11.09
C GLY A 32 -5.66 4.67 11.30
N GLY A 33 -6.40 5.25 10.36
CA GLY A 33 -7.83 5.29 10.53
C GLY A 33 -8.52 3.96 10.42
N PHE A 34 -7.83 2.93 9.92
CA PHE A 34 -8.53 1.69 9.58
C PHE A 34 -7.90 0.44 10.17
N GLY A 35 -6.73 0.53 10.75
CA GLY A 35 -6.12 -0.63 11.36
C GLY A 35 -4.93 -0.20 12.19
N ILE A 36 -4.53 -1.09 13.07
CA ILE A 36 -3.34 -0.93 13.89
C ILE A 36 -2.37 -2.03 13.55
N VAL A 37 -1.09 -1.70 13.47
CA VAL A 37 -0.03 -2.68 13.25
C VAL A 37 0.82 -2.74 14.52
N TYR A 38 1.08 -3.95 15.00
CA TYR A 38 1.90 -4.18 16.17
C TYR A 38 3.13 -4.99 15.82
N ARG A 39 4.26 -4.67 16.44
CA ARG A 39 5.33 -5.64 16.56
C ARG A 39 4.93 -6.59 17.67
N ALA A 40 5.03 -7.89 17.42
CA ALA A 40 4.62 -8.91 18.37
C ALA A 40 5.62 -10.04 18.37
N TYR A 41 5.45 -10.98 19.30
CA TYR A 41 6.39 -12.07 19.45
C TYR A 41 5.62 -13.38 19.61
N ASP A 42 6.05 -14.40 18.85
CA ASP A 42 5.50 -15.75 18.94
C ASP A 42 6.39 -16.52 19.90
N HIS A 43 5.86 -16.83 21.10
CA HIS A 43 6.64 -17.57 22.08
C HIS A 43 6.82 -19.04 21.73
N GLN A 44 5.97 -19.59 20.86
CA GLN A 44 6.13 -20.99 20.47
C GLN A 44 7.29 -21.15 19.49
N LEU A 45 7.30 -20.32 18.44
CA LEU A 45 8.37 -20.36 17.45
C LEU A 45 9.53 -19.43 17.78
N GLU A 46 9.42 -18.64 18.86
CA GLU A 46 10.47 -17.70 19.27
C GLU A 46 10.88 -16.76 18.13
N ARG A 47 9.90 -16.11 17.52
CA ARG A 47 10.21 -15.17 16.46
C ARG A 47 9.32 -13.93 16.54
N THR A 48 9.89 -12.81 16.10
CA THR A 48 9.14 -11.58 15.98
C THR A 48 8.26 -11.64 14.76
N ILE A 49 7.02 -11.19 14.90
CA ILE A 49 6.07 -11.09 13.80
C ILE A 49 5.42 -9.71 13.87
N ALA A 50 4.61 -9.40 12.86
CA ALA A 50 3.69 -8.27 12.95
C ALA A 50 2.28 -8.80 13.09
N ILE A 51 1.44 -8.04 13.79
CA ILE A 51 0.00 -8.32 13.86
C ILE A 51 -0.74 -7.09 13.36
N LYS A 52 -1.62 -7.30 12.40
N LYS A 52 -1.63 -7.30 12.41
CA LYS A 52 -2.48 -6.23 11.88
CA LYS A 52 -2.46 -6.25 11.88
C LYS A 52 -3.88 -6.45 12.43
C LYS A 52 -3.88 -6.46 12.43
N GLU A 53 -4.42 -5.44 13.09
CA GLU A 53 -5.74 -5.50 13.70
C GLU A 53 -6.67 -4.57 12.93
N TYR A 54 -7.78 -5.12 12.43
CA TYR A 54 -8.81 -4.27 11.84
C TYR A 54 -9.39 -3.34 12.90
N MET A 55 -9.39 -2.04 12.62
CA MET A 55 -9.91 -1.12 13.62
C MET A 55 -10.27 0.20 12.94
N PRO A 56 -11.50 0.29 12.41
CA PRO A 56 -11.94 1.53 11.73
C PRO A 56 -12.41 2.55 12.76
N THR A 57 -11.58 3.58 13.01
CA THR A 57 -11.87 4.50 14.11
C THR A 57 -13.17 5.28 13.91
N SER A 58 -13.60 5.49 12.67
CA SER A 58 -14.85 6.21 12.46
C SER A 58 -16.08 5.38 12.84
N LEU A 59 -15.92 4.06 12.93
CA LEU A 59 -17.03 3.15 13.20
C LEU A 59 -16.97 2.48 14.56
N ALA A 60 -15.80 2.41 15.20
CA ALA A 60 -15.59 1.53 16.33
C ALA A 60 -14.64 2.18 17.33
N LYS A 61 -14.71 1.69 18.58
CA LYS A 61 -13.90 2.18 19.67
C LYS A 61 -13.42 1.00 20.51
N ARG A 62 -12.42 1.23 21.36
CA ARG A 62 -11.87 0.20 22.24
C ARG A 62 -12.65 0.14 23.55
N ASN A 63 -13.21 -1.03 23.88
CA ASN A 63 -13.92 -1.24 25.14
C ASN A 63 -12.94 -1.38 26.31
N ASP A 64 -13.50 -1.41 27.53
CA ASP A 64 -12.66 -1.55 28.72
C ASP A 64 -11.91 -2.87 28.75
N ASP A 65 -12.55 -3.96 28.30
CA ASP A 65 -11.89 -5.27 28.28
C ASP A 65 -11.00 -5.45 27.06
N LEU A 66 -10.85 -4.39 26.26
CA LEU A 66 -9.96 -4.29 25.09
C LEU A 66 -10.56 -4.93 23.84
N SER A 67 -11.79 -5.44 23.90
CA SER A 67 -12.48 -5.73 22.66
C SER A 67 -12.84 -4.43 21.95
N ILE A 68 -13.37 -4.58 20.74
CA ILE A 68 -13.79 -3.48 19.88
C ILE A 68 -15.31 -3.45 19.89
N GLY A 69 -15.89 -2.25 19.98
CA GLY A 69 -17.32 -2.09 19.89
C GLY A 69 -17.70 -0.95 18.97
N LEU A 70 -18.91 -1.04 18.42
CA LEU A 70 -19.40 -0.01 17.50
C LEU A 70 -19.59 1.32 18.23
N ARG A 71 -19.26 2.41 17.53
CA ARG A 71 -19.54 3.73 18.07
C ARG A 71 -21.02 4.06 18.02
N GLY A 72 -21.76 3.41 17.13
CA GLY A 72 -23.20 3.53 17.06
C GLY A 72 -23.76 2.35 16.30
N GLU A 73 -24.96 1.93 16.67
CA GLU A 73 -25.53 0.74 16.06
C GLU A 73 -25.71 0.90 14.56
N ARG A 74 -25.89 2.14 14.08
CA ARG A 74 -26.08 2.35 12.66
C ARG A 74 -24.85 1.98 11.84
N PHE A 75 -23.69 1.84 12.48
CA PHE A 75 -22.43 1.54 11.79
C PHE A 75 -22.18 0.05 11.60
N GLY A 76 -23.08 -0.82 12.07
CA GLY A 76 -22.78 -2.25 12.09
C GLY A 76 -22.59 -2.85 10.71
N LYS A 77 -23.48 -2.50 9.77
CA LYS A 77 -23.41 -3.06 8.43
C LYS A 77 -22.10 -2.68 7.75
N THR A 78 -21.70 -1.42 7.87
CA THR A 78 -20.46 -0.99 7.22
C THR A 78 -19.25 -1.57 7.93
N PHE A 79 -19.30 -1.67 9.26
CA PHE A 79 -18.20 -2.30 10.00
C PHE A 79 -18.01 -3.74 9.54
N GLN A 80 -19.10 -4.48 9.38
CA GLN A 80 -18.99 -5.86 8.93
C GLN A 80 -18.46 -5.96 7.50
N ALA A 81 -18.88 -5.04 6.62
CA ALA A 81 -18.40 -5.10 5.25
C ALA A 81 -16.90 -4.81 5.19
N GLY A 82 -16.44 -3.86 5.98
CA GLY A 82 -14.99 -3.64 6.07
C GLY A 82 -14.27 -4.86 6.60
N LEU A 83 -14.83 -5.52 7.61
CA LEU A 83 -14.23 -6.73 8.16
C LEU A 83 -14.14 -7.81 7.09
N ASN A 84 -15.21 -7.99 6.31
CA ASN A 84 -15.19 -8.97 5.25
C ASN A 84 -14.12 -8.64 4.21
N SER A 85 -13.92 -7.35 3.91
CA SER A 85 -12.88 -6.98 2.95
C SER A 85 -11.49 -7.18 3.51
N PHE A 86 -11.32 -6.97 4.82
CA PHE A 86 -10.05 -7.26 5.49
C PHE A 86 -9.70 -8.74 5.36
N ILE A 87 -10.70 -9.61 5.57
CA ILE A 87 -10.51 -11.06 5.41
C ILE A 87 -10.15 -11.41 3.97
N GLN A 88 -10.86 -10.82 3.01
CA GLN A 88 -10.57 -11.11 1.60
C GLN A 88 -9.16 -10.67 1.22
N GLU A 89 -8.71 -9.52 1.72
CA GLU A 89 -7.35 -9.10 1.43
C GLU A 89 -6.32 -10.06 2.03
N ALA A 90 -6.55 -10.54 3.25
CA ALA A 90 -5.64 -11.52 3.84
C ALA A 90 -5.60 -12.79 2.99
N ARG A 91 -6.76 -13.21 2.48
CA ARG A 91 -6.81 -14.39 1.61
C ARG A 91 -6.04 -14.16 0.32
N LEU A 92 -6.12 -12.95 -0.24
CA LEU A 92 -5.38 -12.65 -1.45
C LEU A 92 -3.88 -12.71 -1.19
N LEU A 93 -3.41 -12.06 -0.13
CA LEU A 93 -1.99 -12.11 0.18
C LEU A 93 -1.52 -13.52 0.51
N ALA A 94 -2.40 -14.36 1.07
CA ALA A 94 -2.06 -15.75 1.37
C ALA A 94 -1.85 -16.59 0.13
N ARG A 95 -2.22 -16.11 -1.06
CA ARG A 95 -1.98 -16.84 -2.29
C ARG A 95 -0.51 -16.83 -2.70
N PHE A 96 0.31 -15.98 -2.10
CA PHE A 96 1.65 -15.73 -2.62
C PHE A 96 2.71 -16.09 -1.58
N SER A 97 3.90 -16.43 -2.09
CA SER A 97 5.09 -16.63 -1.28
CA SER A 97 5.09 -16.63 -1.28
C SER A 97 6.23 -15.98 -2.06
N HIS A 98 6.33 -14.66 -1.93
CA HIS A 98 7.23 -13.84 -2.72
C HIS A 98 7.89 -12.83 -1.79
N PRO A 99 9.18 -12.57 -1.96
CA PRO A 99 9.88 -11.69 -1.00
C PRO A 99 9.39 -10.26 -1.01
N GLY A 100 8.73 -9.81 -2.06
CA GLY A 100 8.24 -8.45 -2.14
C GLY A 100 6.76 -8.27 -1.84
N LEU A 101 6.09 -9.32 -1.34
CA LEU A 101 4.67 -9.26 -0.99
C LEU A 101 4.53 -9.66 0.47
N LEU A 102 3.76 -8.89 1.24
CA LEU A 102 3.55 -9.17 2.66
C LEU A 102 3.20 -10.63 2.87
N HIS A 103 4.00 -11.33 3.69
CA HIS A 103 3.78 -12.75 3.89
C HIS A 103 2.88 -13.00 5.10
N VAL A 104 1.74 -13.65 4.85
CA VAL A 104 0.73 -13.89 5.89
C VAL A 104 1.00 -15.22 6.58
N LEU A 105 1.07 -15.20 7.91
CA LEU A 105 1.33 -16.40 8.70
C LEU A 105 0.06 -17.00 9.27
N ARG A 106 -0.86 -16.18 9.76
CA ARG A 106 -2.02 -16.67 10.49
C ARG A 106 -3.13 -15.61 10.40
N PHE A 107 -4.36 -16.07 10.55
CA PHE A 107 -5.50 -15.14 10.59
C PHE A 107 -6.48 -15.66 11.61
N TRP A 108 -7.07 -14.75 12.40
CA TRP A 108 -8.07 -15.20 13.37
C TRP A 108 -8.99 -14.03 13.72
N GLU A 109 -10.16 -14.38 14.25
CA GLU A 109 -11.12 -13.40 14.76
C GLU A 109 -11.18 -13.48 16.28
N GLU A 110 -11.24 -12.32 16.92
CA GLU A 110 -11.26 -12.20 18.37
C GLU A 110 -11.57 -10.73 18.66
N ASN A 111 -12.06 -10.46 19.88
CA ASN A 111 -12.25 -9.08 20.34
C ASN A 111 -13.27 -8.30 19.50
N GLY A 112 -14.15 -8.96 18.78
CA GLY A 112 -15.06 -8.26 17.91
C GLY A 112 -14.47 -7.79 16.61
N THR A 113 -13.26 -8.24 16.29
CA THR A 113 -12.56 -7.79 15.10
C THR A 113 -11.76 -8.96 14.53
N ALA A 114 -10.74 -8.65 13.73
CA ALA A 114 -9.94 -9.68 13.08
C ALA A 114 -8.48 -9.25 13.07
N TYR A 115 -7.60 -10.25 12.99
CA TYR A 115 -6.16 -10.09 13.12
C TYR A 115 -5.45 -10.90 12.05
N MET A 116 -4.42 -10.29 11.46
CA MET A 116 -3.48 -11.01 10.60
C MET A 116 -2.14 -11.03 11.30
N GLY A 117 -1.57 -12.23 11.44
CA GLY A 117 -0.18 -12.35 11.82
C GLY A 117 0.63 -12.45 10.54
N THR A 118 1.69 -11.64 10.45
CA THR A 118 2.48 -11.57 9.22
C THR A 118 3.97 -11.54 9.56
N GLN A 119 4.79 -11.74 8.53
CA GLN A 119 6.21 -11.50 8.69
C GLN A 119 6.44 -10.06 9.15
N PHE A 120 7.46 -9.87 10.00
CA PHE A 120 7.86 -8.55 10.46
C PHE A 120 9.04 -8.08 9.60
N TYR A 121 8.91 -6.91 8.99
CA TYR A 121 9.94 -6.40 8.09
C TYR A 121 10.76 -5.30 8.75
N SER A 122 12.06 -5.30 8.47
CA SER A 122 12.92 -4.20 8.90
C SER A 122 12.60 -2.95 8.10
N GLY A 123 13.24 -1.84 8.48
CA GLY A 123 13.11 -0.62 7.70
C GLY A 123 11.85 0.15 8.05
N THR A 124 11.38 0.94 7.09
CA THR A 124 10.16 1.74 7.25
C THR A 124 9.55 1.94 5.86
N THR A 125 8.48 2.74 5.79
CA THR A 125 7.81 2.93 4.51
C THR A 125 8.61 3.86 3.60
N LEU A 126 8.35 3.72 2.31
CA LEU A 126 8.95 4.63 1.33
C LEU A 126 8.55 6.07 1.62
N LYS A 127 7.31 6.30 2.04
CA LYS A 127 6.87 7.64 2.43
C LYS A 127 7.75 8.21 3.53
N ASN A 128 8.05 7.40 4.55
CA ASN A 128 8.89 7.89 5.65
C ASN A 128 10.33 8.11 5.18
N LEU A 129 10.84 7.22 4.33
CA LEU A 129 12.21 7.38 3.84
C LEU A 129 12.34 8.67 3.03
N GLN A 130 11.38 8.94 2.15
CA GLN A 130 11.39 10.16 1.35
C GLN A 130 11.29 11.41 2.21
N ALA A 131 10.59 11.33 3.34
CA ALA A 131 10.44 12.49 4.21
C ALA A 131 11.68 12.70 5.06
N GLN A 132 12.29 11.61 5.53
CA GLN A 132 13.39 11.68 6.49
C GLN A 132 14.76 11.71 5.82
N GLN A 133 14.94 10.98 4.73
CA GLN A 133 16.24 10.85 4.08
C GLN A 133 16.13 11.04 2.56
N PRO A 134 15.61 12.20 2.11
CA PRO A 134 15.48 12.38 0.66
C PRO A 134 16.80 12.31 -0.09
N GLU A 135 17.92 12.62 0.58
CA GLU A 135 19.23 12.61 -0.08
C GLU A 135 19.66 11.21 -0.49
N LYS A 136 19.10 10.18 0.12
CA LYS A 136 19.42 8.81 -0.24
C LYS A 136 18.78 8.41 -1.56
N ILE A 137 17.76 9.14 -2.00
CA ILE A 137 16.95 8.74 -3.15
C ILE A 137 17.47 9.49 -4.38
N ASP A 138 18.26 8.80 -5.20
CA ASP A 138 18.78 9.31 -6.46
C ASP A 138 18.52 8.28 -7.56
N GLU A 139 19.01 8.55 -8.77
CA GLU A 139 18.70 7.66 -9.89
C GLU A 139 19.23 6.25 -9.65
N ALA A 140 20.46 6.13 -9.13
CA ALA A 140 21.03 4.80 -8.92
C ALA A 140 20.21 4.01 -7.92
N TRP A 141 19.75 4.67 -6.86
CA TRP A 141 18.93 4.02 -5.85
C TRP A 141 17.60 3.56 -6.45
N ILE A 142 16.99 4.42 -7.28
CA ILE A 142 15.72 4.07 -7.93
C ILE A 142 15.90 2.88 -8.85
N ARG A 143 17.02 2.85 -9.60
CA ARG A 143 17.25 1.74 -10.52
C ARG A 143 17.52 0.43 -9.78
N ARG A 144 17.98 0.48 -8.53
CA ARG A 144 18.09 -0.72 -7.72
C ARG A 144 16.74 -1.12 -7.12
N LEU A 145 15.89 -0.14 -6.83
CA LEU A 145 14.56 -0.43 -6.29
C LEU A 145 13.67 -1.12 -7.31
N LEU A 146 13.80 -0.78 -8.59
CA LEU A 146 12.79 -1.16 -9.56
C LEU A 146 12.71 -2.67 -9.86
N PRO A 147 13.81 -3.40 -10.05
CA PRO A 147 13.67 -4.82 -10.37
C PRO A 147 12.84 -5.59 -9.35
N PRO A 148 13.15 -5.51 -8.04
CA PRO A 148 12.30 -6.23 -7.08
C PRO A 148 10.89 -5.67 -6.96
N LEU A 149 10.70 -4.36 -7.19
CA LEU A 149 9.36 -3.80 -7.12
C LEU A 149 8.53 -4.22 -8.32
N PHE A 150 9.11 -4.16 -9.53
CA PHE A 150 8.50 -4.74 -10.71
C PHE A 150 8.11 -6.21 -10.47
N SER A 151 9.03 -6.99 -9.88
CA SER A 151 8.76 -8.41 -9.68
C SER A 151 7.54 -8.63 -8.81
N ALA A 152 7.42 -7.88 -7.70
CA ALA A 152 6.30 -8.04 -6.79
C ALA A 152 4.98 -7.68 -7.47
N ILE A 153 4.95 -6.55 -8.18
CA ILE A 153 3.72 -6.13 -8.85
C ILE A 153 3.35 -7.12 -9.94
N ASN A 154 4.34 -7.54 -10.74
CA ASN A 154 4.06 -8.49 -11.82
C ASN A 154 3.54 -9.81 -11.28
N THR A 155 4.01 -10.23 -10.10
CA THR A 155 3.53 -11.48 -9.51
C THR A 155 2.02 -11.40 -9.23
N ILE A 156 1.56 -10.26 -8.75
CA ILE A 156 0.12 -10.06 -8.57
C ILE A 156 -0.61 -10.18 -9.90
N HIS A 157 -0.09 -9.49 -10.93
CA HIS A 157 -0.73 -9.47 -12.24
C HIS A 157 -0.81 -10.87 -12.85
N GLN A 158 0.25 -11.66 -12.74
CA GLN A 158 0.29 -12.96 -13.40
C GLN A 158 -0.72 -13.94 -12.80
N GLU A 159 -1.15 -13.73 -11.55
CA GLU A 159 -2.19 -14.54 -10.94
C GLU A 159 -3.59 -13.99 -11.24
N GLY A 160 -3.69 -12.93 -12.04
CA GLY A 160 -4.97 -12.40 -12.44
C GLY A 160 -5.55 -11.32 -11.56
N TYR A 161 -4.75 -10.71 -10.70
CA TYR A 161 -5.23 -9.67 -9.79
C TYR A 161 -4.57 -8.33 -10.12
N LEU A 162 -5.13 -7.27 -9.54
CA LEU A 162 -4.52 -5.94 -9.59
C LEU A 162 -4.35 -5.43 -8.16
N HIS A 163 -3.39 -4.53 -7.98
CA HIS A 163 -3.15 -3.93 -6.68
C HIS A 163 -4.15 -2.82 -6.39
N ARG A 164 -4.14 -1.77 -7.22
CA ARG A 164 -5.13 -0.69 -7.26
C ARG A 164 -5.02 0.33 -6.13
N ASP A 165 -3.98 0.23 -5.28
CA ASP A 165 -3.81 1.19 -4.20
C ASP A 165 -2.34 1.61 -4.02
N ILE A 166 -1.53 1.52 -5.07
CA ILE A 166 -0.11 1.81 -4.91
C ILE A 166 0.11 3.28 -4.61
N SER A 167 0.90 3.57 -3.58
CA SER A 167 1.50 4.89 -3.37
C SER A 167 2.77 4.69 -2.54
N LEU A 168 3.32 5.76 -2.00
CA LEU A 168 4.49 5.60 -1.15
C LEU A 168 4.14 5.06 0.25
N ASP A 169 2.91 5.20 0.66
N ASP A 169 2.90 5.17 0.63
CA ASP A 169 2.51 4.86 1.98
CA ASP A 169 2.52 4.87 2.01
C ASP A 169 2.46 3.36 2.33
C ASP A 169 2.58 3.38 2.31
N ASN A 170 2.40 2.52 1.31
CA ASN A 170 2.22 1.09 1.47
C ASN A 170 3.33 0.23 0.85
N ILE A 171 4.48 0.86 0.64
CA ILE A 171 5.66 0.14 0.19
C ILE A 171 6.68 0.23 1.33
N GLN A 172 7.05 -0.93 1.90
CA GLN A 172 8.09 -0.97 2.91
C GLN A 172 9.45 -1.02 2.22
N ILE A 173 10.41 -0.24 2.73
CA ILE A 173 11.81 -0.31 2.30
C ILE A 173 12.59 -0.92 3.46
N GLN A 174 13.02 -2.17 3.29
CA GLN A 174 13.74 -2.87 4.33
C GLN A 174 15.13 -2.27 4.49
N GLU A 175 15.83 -2.67 5.55
CA GLU A 175 17.18 -2.15 5.74
C GLU A 175 18.11 -2.60 4.61
N SER A 176 17.80 -3.74 3.97
CA SER A 176 18.50 -4.20 2.77
C SER A 176 18.17 -3.37 1.54
N GLN A 177 17.21 -2.44 1.63
CA GLN A 177 16.66 -1.60 0.58
C GLN A 177 15.64 -2.35 -0.28
N LEU A 178 15.40 -3.64 -0.03
CA LEU A 178 14.43 -4.35 -0.86
C LEU A 178 13.01 -3.96 -0.46
N PRO A 179 12.11 -3.80 -1.43
CA PRO A 179 10.76 -3.33 -1.14
C PRO A 179 9.79 -4.47 -0.84
N VAL A 180 8.76 -4.13 -0.07
CA VAL A 180 7.66 -5.06 0.20
C VAL A 180 6.34 -4.32 0.05
N LEU A 181 5.39 -4.92 -0.67
CA LEU A 181 4.04 -4.36 -0.74
C LEU A 181 3.25 -4.83 0.48
N LEU A 182 2.78 -3.88 1.29
CA LEU A 182 2.23 -4.17 2.61
C LEU A 182 0.72 -4.30 2.68
N ASP A 183 -0.01 -3.69 1.75
CA ASP A 183 -1.41 -3.41 2.02
C ASP A 183 -2.07 -2.94 0.74
N PHE A 184 -3.29 -3.43 0.49
CA PHE A 184 -4.06 -3.05 -0.68
C PHE A 184 -5.21 -2.11 -0.33
N GLY A 185 -5.36 -1.73 0.93
CA GLY A 185 -6.41 -0.78 1.29
C GLY A 185 -7.82 -1.30 1.14
N SER A 186 -8.02 -2.61 1.11
CA SER A 186 -9.34 -3.15 0.75
C SER A 186 -10.42 -2.72 1.73
N ALA A 187 -10.18 -2.85 3.03
CA ALA A 187 -11.22 -2.53 4.00
C ALA A 187 -11.53 -1.03 3.99
N ARG A 188 -10.48 -0.20 3.94
CA ARG A 188 -10.64 1.25 3.85
C ARG A 188 -11.49 1.63 2.65
N LYS A 189 -11.18 1.05 1.48
CA LYS A 189 -11.89 1.42 0.26
C LYS A 189 -13.33 0.95 0.28
N GLU A 190 -13.61 -0.21 0.87
CA GLU A 190 -14.97 -0.69 0.98
C GLU A 190 -15.78 0.21 1.90
N ILE A 191 -15.22 0.56 3.06
CA ILE A 191 -15.90 1.48 3.98
C ILE A 191 -16.16 2.81 3.29
N GLY A 192 -15.17 3.32 2.55
CA GLY A 192 -15.35 4.58 1.85
C GLY A 192 -16.47 4.54 0.82
N ASN A 193 -16.52 3.46 0.04
CA ASN A 193 -17.59 3.33 -0.96
C ASN A 193 -18.96 3.26 -0.31
N LEU A 194 -19.09 2.50 0.78
CA LEU A 194 -20.40 2.30 1.39
C LEU A 194 -20.86 3.53 2.16
N SER A 195 -19.92 4.31 2.68
CA SER A 195 -20.22 5.47 3.50
C SER A 195 -20.24 6.78 2.72
N ASP A 196 -20.01 6.74 1.41
CA ASP A 196 -19.87 7.95 0.59
C ASP A 196 -18.70 8.83 1.03
N GLU A 197 -17.75 8.26 1.76
CA GLU A 197 -16.51 8.97 2.08
C GLU A 197 -15.51 8.73 0.95
N THR A 198 -15.83 9.37 -0.19
CA THR A 198 -15.09 9.17 -1.42
C THR A 198 -13.59 9.44 -1.25
N GLU A 199 -13.24 10.33 -0.33
CA GLU A 199 -11.85 10.76 -0.15
C GLU A 199 -10.94 9.64 0.36
N ILE A 200 -11.49 8.54 0.87
CA ILE A 200 -10.66 7.42 1.34
C ILE A 200 -10.60 6.27 0.33
N VAL A 201 -11.18 6.44 -0.86
CA VAL A 201 -11.18 5.36 -1.83
C VAL A 201 -9.95 5.42 -2.72
N LEU A 202 -9.90 6.40 -3.63
CA LEU A 202 -8.74 6.56 -4.51
C LEU A 202 -7.74 7.55 -3.91
N LYS A 203 -6.48 7.41 -4.31
CA LYS A 203 -5.42 8.29 -3.85
C LYS A 203 -5.16 9.38 -4.89
N PRO A 204 -5.45 10.64 -4.59
CA PRO A 204 -5.30 11.70 -5.61
C PRO A 204 -3.88 11.79 -6.12
N GLY A 205 -3.73 11.84 -7.44
CA GLY A 205 -2.44 11.93 -8.06
C GLY A 205 -1.83 10.59 -8.41
N PHE A 206 -2.20 9.54 -7.68
CA PHE A 206 -1.76 8.18 -7.96
C PHE A 206 -2.75 7.38 -8.79
N ALA A 207 -4.07 7.60 -8.61
CA ALA A 207 -5.07 6.84 -9.33
C ALA A 207 -5.25 7.40 -10.74
N PRO A 208 -5.17 6.56 -11.77
CA PRO A 208 -5.40 7.03 -13.14
C PRO A 208 -6.89 7.22 -13.42
N ILE A 209 -7.15 7.77 -14.61
CA ILE A 209 -8.49 8.20 -14.97
C ILE A 209 -9.49 7.04 -14.92
N GLU A 210 -9.09 5.86 -15.37
CA GLU A 210 -10.03 4.74 -15.47
C GLU A 210 -10.48 4.20 -14.11
N GLN A 211 -9.80 4.56 -13.02
CA GLN A 211 -10.26 4.12 -11.71
C GLN A 211 -11.40 4.99 -11.16
N TYR A 212 -11.62 6.16 -11.75
CA TYR A 212 -12.67 7.05 -11.27
C TYR A 212 -14.08 6.59 -11.67
N THR A 213 -14.19 5.69 -12.65
CA THR A 213 -15.35 4.78 -12.90
C THR A 213 -15.37 4.31 -14.36
N GLU A 219 -11.03 0.62 -19.22
CA GLU A 219 -11.14 -0.42 -18.21
C GLU A 219 -9.80 -0.57 -17.48
N GLN A 220 -9.82 -1.29 -16.36
CA GLN A 220 -8.67 -1.48 -15.49
C GLN A 220 -7.90 -2.74 -15.85
N GLY A 221 -6.58 -2.67 -15.67
CA GLY A 221 -5.69 -3.76 -15.96
C GLY A 221 -4.30 -3.43 -15.45
N PRO A 222 -3.29 -4.19 -15.88
CA PRO A 222 -1.92 -3.89 -15.40
C PRO A 222 -1.49 -2.44 -15.57
N TRP A 223 -1.95 -1.79 -16.64
CA TRP A 223 -1.66 -0.37 -16.88
C TRP A 223 -2.17 0.53 -15.76
N THR A 224 -3.20 0.11 -15.03
CA THR A 224 -3.70 0.90 -13.91
C THR A 224 -2.67 0.98 -12.78
N ASP A 225 -2.04 -0.15 -12.46
CA ASP A 225 -0.97 -0.15 -11.47
C ASP A 225 0.29 0.51 -12.00
N ILE A 226 0.55 0.39 -13.30
CA ILE A 226 1.71 1.03 -13.91
C ILE A 226 1.65 2.55 -13.75
N TYR A 227 0.48 3.15 -13.97
CA TYR A 227 0.35 4.59 -13.76
C TYR A 227 0.66 4.99 -12.33
N ALA A 228 0.11 4.24 -11.35
CA ALA A 228 0.39 4.55 -9.94
C ALA A 228 1.88 4.42 -9.63
N LEU A 229 2.54 3.41 -10.20
CA LEU A 229 3.99 3.29 -10.03
C LEU A 229 4.72 4.48 -10.64
N GLY A 230 4.31 4.91 -11.83
CA GLY A 230 4.86 6.13 -12.39
C GLY A 230 4.67 7.32 -11.46
N ALA A 231 3.50 7.42 -10.83
CA ALA A 231 3.26 8.50 -9.88
C ALA A 231 4.18 8.43 -8.67
N VAL A 232 4.44 7.20 -8.17
CA VAL A 232 5.42 7.02 -7.11
C VAL A 232 6.78 7.54 -7.53
N LEU A 233 7.24 7.11 -8.71
CA LEU A 233 8.56 7.50 -9.19
C LEU A 233 8.65 9.01 -9.37
N HIS A 234 7.60 9.60 -9.95
CA HIS A 234 7.53 11.06 -10.09
C HIS A 234 7.69 11.74 -8.73
N THR A 235 7.00 11.25 -7.70
CA THR A 235 7.14 11.81 -6.36
C THR A 235 8.57 11.70 -5.83
N LEU A 236 9.23 10.56 -6.08
CA LEU A 236 10.61 10.41 -5.62
C LEU A 236 11.54 11.39 -6.34
N ILE A 237 11.28 11.65 -7.62
CA ILE A 237 12.21 12.43 -8.44
C ILE A 237 12.06 13.92 -8.18
N VAL A 238 10.82 14.43 -8.14
CA VAL A 238 10.57 15.87 -8.00
C VAL A 238 9.87 16.24 -6.71
N GLY A 239 9.48 15.28 -5.88
CA GLY A 239 9.02 15.57 -4.53
C GLY A 239 7.52 15.55 -4.32
N SER A 240 6.71 15.50 -5.37
CA SER A 240 5.25 15.49 -5.24
C SER A 240 4.66 14.74 -6.42
N PRO A 241 3.45 14.22 -6.28
CA PRO A 241 2.84 13.43 -7.36
C PRO A 241 2.36 14.31 -8.49
N PRO A 242 2.02 13.72 -9.64
CA PRO A 242 1.51 14.51 -10.76
C PRO A 242 0.10 15.01 -10.46
N PRO A 243 -0.43 15.91 -11.30
CA PRO A 243 -1.78 16.41 -11.05
C PRO A 243 -2.82 15.29 -11.05
N VAL A 244 -3.90 15.52 -10.30
CA VAL A 244 -4.99 14.56 -10.24
C VAL A 244 -5.47 14.21 -11.64
N SER A 245 -5.70 12.91 -11.89
CA SER A 245 -5.93 12.45 -13.25
C SER A 245 -7.24 12.97 -13.85
N VAL A 246 -8.28 13.19 -13.04
CA VAL A 246 -9.50 13.79 -13.57
C VAL A 246 -9.23 15.21 -14.05
N VAL A 247 -8.44 15.97 -13.28
CA VAL A 247 -8.08 17.31 -13.71
C VAL A 247 -7.31 17.24 -15.03
N ARG A 248 -6.42 16.26 -15.16
CA ARG A 248 -5.65 16.10 -16.41
C ARG A 248 -6.56 15.78 -17.59
N SER A 249 -7.63 15.01 -17.36
CA SER A 249 -8.53 14.62 -18.43
C SER A 249 -9.31 15.80 -18.98
N ILE A 250 -9.35 16.92 -18.26
CA ILE A 250 -10.02 18.13 -18.74
C ILE A 250 -9.02 19.02 -19.46
N GLU A 251 -7.95 19.37 -18.77
CA GLU A 251 -6.83 20.12 -19.34
C GLU A 251 -5.57 19.50 -18.75
N ASP A 252 -4.78 18.82 -19.57
CA ASP A 252 -3.62 18.09 -19.07
C ASP A 252 -2.46 19.06 -18.83
N SER A 253 -2.25 19.43 -17.58
CA SER A 253 -1.16 20.32 -17.19
C SER A 253 0.10 19.58 -16.76
N TYR A 254 0.16 18.27 -16.97
CA TYR A 254 1.37 17.50 -16.63
C TYR A 254 2.49 17.97 -17.52
N GLN A 255 3.60 18.35 -16.94
CA GLN A 255 4.70 18.72 -17.79
C GLN A 255 5.72 17.58 -17.74
N PRO A 256 6.09 17.02 -18.89
CA PRO A 256 6.95 15.83 -18.90
C PRO A 256 8.26 16.05 -18.13
N LEU A 257 8.67 15.01 -17.39
CA LEU A 257 9.95 15.08 -16.70
C LEU A 257 11.11 15.23 -17.68
N THR A 258 10.97 14.70 -18.90
CA THR A 258 12.01 14.93 -19.91
C THR A 258 12.18 16.42 -20.15
N GLU A 259 11.11 17.20 -19.93
CA GLU A 259 11.19 18.65 -20.09
C GLU A 259 11.65 19.40 -18.84
N ARG A 260 11.27 18.95 -17.65
CA ARG A 260 11.77 19.58 -16.43
C ARG A 260 13.28 19.45 -16.30
N ARG A 261 13.81 18.28 -16.63
CA ARG A 261 15.23 17.97 -16.41
C ARG A 261 15.64 18.20 -14.96
N PRO A 262 15.06 17.49 -13.98
CA PRO A 262 15.61 17.57 -12.62
C PRO A 262 17.06 17.12 -12.62
N ALA A 263 17.88 17.78 -11.79
CA ALA A 263 19.31 17.52 -11.78
C ALA A 263 19.59 16.08 -11.39
N GLY A 264 20.49 15.44 -12.14
CA GLY A 264 20.95 14.11 -11.81
C GLY A 264 20.09 12.98 -12.32
N TYR A 265 19.18 13.23 -13.25
CA TYR A 265 18.29 12.20 -13.79
C TYR A 265 18.42 12.10 -15.30
N SER A 266 18.54 10.85 -15.81
CA SER A 266 18.74 10.57 -17.23
C SER A 266 17.41 10.67 -18.00
N PRO A 267 17.48 11.06 -19.28
CA PRO A 267 16.27 11.01 -20.11
C PRO A 267 15.61 9.65 -20.13
N GLU A 268 16.40 8.59 -19.97
CA GLU A 268 15.87 7.24 -20.04
C GLU A 268 14.94 6.95 -18.86
N LEU A 269 15.38 7.25 -17.64
CA LEU A 269 14.49 7.07 -16.50
C LEU A 269 13.32 8.06 -16.55
N LEU A 270 13.59 9.30 -16.95
CA LEU A 270 12.54 10.31 -17.00
C LEU A 270 11.46 9.94 -17.99
N ARG A 271 11.85 9.45 -19.18
CA ARG A 271 10.84 9.08 -20.17
C ARG A 271 10.06 7.83 -19.75
N THR A 272 10.69 6.91 -19.01
CA THR A 272 9.94 5.76 -18.50
C THR A 272 8.82 6.22 -17.58
N VAL A 273 9.11 7.18 -16.69
CA VAL A 273 8.08 7.72 -15.82
C VAL A 273 6.99 8.42 -16.63
N ASP A 274 7.41 9.27 -17.58
CA ASP A 274 6.42 9.98 -18.40
C ASP A 274 5.49 9.00 -19.12
N ARG A 275 6.04 7.91 -19.67
CA ARG A 275 5.22 6.93 -20.38
C ARG A 275 4.25 6.21 -19.44
N ALA A 276 4.72 5.85 -18.24
CA ALA A 276 3.82 5.23 -17.26
C ALA A 276 2.68 6.17 -16.89
N LEU A 277 2.92 7.47 -16.94
CA LEU A 277 1.92 8.48 -16.60
C LEU A 277 1.14 8.99 -17.80
N ALA A 278 1.18 8.29 -18.93
CA ALA A 278 0.31 8.66 -20.05
C ALA A 278 -1.13 8.66 -19.57
N LEU A 279 -1.88 9.67 -19.99
CA LEU A 279 -3.24 9.87 -19.48
C LEU A 279 -4.13 8.67 -19.79
N LYS A 280 -4.14 8.22 -21.07
CA LYS A 280 -5.04 7.15 -21.46
C LYS A 280 -4.38 5.79 -21.29
N PRO A 281 -5.14 4.79 -20.82
CA PRO A 281 -4.56 3.45 -20.61
C PRO A 281 -3.79 2.91 -21.80
N GLU A 282 -4.32 3.08 -23.01
CA GLU A 282 -3.69 2.49 -24.19
C GLU A 282 -2.33 3.10 -24.51
N ASP A 283 -2.02 4.28 -23.99
CA ASP A 283 -0.75 4.94 -24.29
C ASP A 283 0.36 4.62 -23.28
N ARG A 284 0.05 3.86 -22.24
CA ARG A 284 1.01 3.46 -21.22
C ARG A 284 1.64 2.13 -21.60
N PRO A 285 2.77 1.77 -20.97
CA PRO A 285 3.21 0.37 -21.04
C PRO A 285 2.08 -0.53 -20.56
N GLN A 286 1.87 -1.64 -21.26
CA GLN A 286 0.72 -2.48 -21.01
C GLN A 286 0.97 -3.57 -19.99
N THR A 287 2.24 -3.88 -19.70
CA THR A 287 2.62 -4.86 -18.70
C THR A 287 3.84 -4.32 -17.96
N ILE A 288 4.10 -4.90 -16.79
CA ILE A 288 5.31 -4.54 -16.05
C ILE A 288 6.55 -4.80 -16.89
N ASP A 289 6.59 -5.93 -17.62
CA ASP A 289 7.74 -6.21 -18.48
C ASP A 289 7.97 -5.11 -19.50
N GLU A 290 6.89 -4.59 -20.09
CA GLU A 290 7.03 -3.51 -21.06
C GLU A 290 7.61 -2.25 -20.43
N MET A 291 7.19 -1.93 -19.20
CA MET A 291 7.76 -0.76 -18.53
C MET A 291 9.22 -0.95 -18.22
N ALA A 292 9.62 -2.14 -17.75
CA ALA A 292 11.02 -2.40 -17.44
C ALA A 292 11.90 -2.23 -18.67
N GLU A 293 11.41 -2.61 -19.83
CA GLU A 293 12.18 -2.52 -21.06
C GLU A 293 12.51 -1.10 -21.43
N LEU A 294 11.67 -0.16 -21.03
CA LEU A 294 11.94 1.23 -21.29
C LEU A 294 13.17 1.81 -20.62
N LEU A 295 13.59 1.25 -19.51
CA LEU A 295 14.76 1.71 -18.81
C LEU A 295 16.07 1.30 -19.42
N GLU A 296 16.05 0.38 -20.38
CA GLU A 296 17.27 -0.15 -21.01
C GLU A 296 17.73 0.72 -22.17
PG ACP B . 4.29 5.57 10.16
O1G ACP B . 3.17 5.72 9.01
O2G ACP B . 5.32 4.62 9.71
O3G ACP B . 4.98 6.99 10.47
PB ACP B . 1.74 5.43 11.62
O1B ACP B . 1.51 6.79 10.79
O2B ACP B . 1.24 5.55 13.00
C3B ACP B . 3.50 4.99 11.68
PA ACP B . 0.45 3.89 9.51
O1A ACP B . 0.28 5.14 8.68
O2A ACP B . -0.85 3.17 9.75
O3A ACP B . 0.96 4.18 11.01
O5' ACP B . 1.47 2.92 8.74
C5' ACP B . 1.66 1.56 9.11
C4' ACP B . 3.03 1.40 9.74
O4' ACP B . 3.21 0.00 10.02
C3' ACP B . 4.18 1.81 8.83
O3' ACP B . 5.19 2.48 9.58
C2' ACP B . 4.76 0.50 8.35
O2' ACP B . 6.18 0.58 8.17
C1' ACP B . 4.46 -0.43 9.49
N9 ACP B . 4.25 -1.83 9.09
C8 ACP B . 3.15 -2.32 8.51
N7 ACP B . 3.27 -3.65 8.30
C5 ACP B . 4.49 -4.01 8.78
C6 ACP B . 5.25 -5.27 8.88
N6 ACP B . 4.70 -6.41 8.40
N1 ACP B . 6.48 -5.24 9.43
C2 ACP B . 7.01 -4.09 9.89
N3 ACP B . 6.37 -2.90 9.84
C4 ACP B . 5.13 -2.81 9.29
C1 GOL C . -1.82 2.08 7.10
O1 GOL C . -2.57 3.04 7.82
C2 GOL C . -2.09 2.16 5.60
O2 GOL C . -2.19 3.49 5.17
C3 GOL C . -1.02 1.45 4.80
O3 GOL C . -0.18 0.69 5.63
#